data_6MAJ
#
_entry.id   6MAJ
#
_cell.length_a   111.543
_cell.length_b   111.543
_cell.length_c   73.702
_cell.angle_alpha   90.00
_cell.angle_beta   90.00
_cell.angle_gamma   120.00
#
_symmetry.space_group_name_H-M   'H 3'
#
loop_
_entity.id
_entity.type
_entity.pdbx_description
1 polymer 'Histone acetyltransferase KAT7'
2 polymer 'BRD1 protein'
3 non-polymer 'ZINC ION'
4 non-polymer GLYCEROL
5 non-polymer "4-fluoro-N'-[(3-hydroxyphenyl)sulfonyl]-5-methyl[1,1'-biphenyl]-3-carbohydrazide"
6 water water
#
loop_
_entity_poly.entity_id
_entity_poly.type
_entity_poly.pdbx_seq_one_letter_code
_entity_poly.pdbx_strand_id
1 'polypeptide(L)'
;MGSMIKTIAFGRYELDTWYHSPYPEEYARLGRLYMCEFCLKYMKSQTILRRHMAKCVWKHPPGDEIYRKGSISVFEVDGK
KNKIYCQNLCLLAKLFLDH(ALY)TLYYDVEPFLFYVMTEADNTGCHLIGYFSKEKNSFLNYNVSCILTMPQYMRQGYGK
MLIDFSYLLSKVEEKVGSPERPLSDLGLISYRSYWKEVLLRYLHNFQGKEISIKEISQETAVNPVDIVSTLQALQMLKYW
KGKHLVLKRQDLIDEWIAKEAKRSNSNKTMDPSCLKWTPPKAS
;
A
2 'polypeptide(L)' GSLTYAQAQGMVEIEIEGRLHRISIFDPLEIILEDDLTAQEMSECNSNKENS B
#
loop_
_chem_comp.id
_chem_comp.type
_chem_comp.name
_chem_comp.formula
GOL non-polymer GLYCEROL 'C3 H8 O3'
JAV non-polymer 4-fluoro-N'-[(3-hydroxyphenyl)sulfonyl]-5-methyl[1,1'-biphenyl]-3-carbohydrazide 'C20 H17 F N2 O4 S'
ZN non-polymer 'ZINC ION' 'Zn 2'
#
# COMPACT_ATOMS: atom_id res chain seq x y z
N SER A 3 29.13 -4.95 -4.12
CA SER A 3 28.05 -4.29 -3.39
C SER A 3 26.69 -4.58 -4.04
N MET A 4 26.67 -5.50 -5.00
CA MET A 4 25.45 -5.89 -5.69
C MET A 4 25.02 -7.27 -5.20
N ILE A 5 23.82 -7.34 -4.65
CA ILE A 5 23.23 -8.60 -4.23
C ILE A 5 22.36 -9.12 -5.36
N LYS A 6 22.45 -10.42 -5.64
CA LYS A 6 21.76 -11.03 -6.77
C LYS A 6 20.52 -11.80 -6.36
N THR A 7 20.59 -12.56 -5.27
CA THR A 7 19.46 -13.35 -4.79
C THR A 7 19.39 -13.25 -3.27
N ILE A 8 18.22 -13.59 -2.74
CA ILE A 8 18.05 -13.76 -1.30
C ILE A 8 17.26 -15.04 -1.06
N ALA A 9 17.52 -15.67 0.07
CA ALA A 9 16.73 -16.80 0.54
C ALA A 9 15.79 -16.30 1.62
N PHE A 10 14.49 -16.43 1.37
CA PHE A 10 13.48 -15.86 2.26
C PHE A 10 12.41 -16.91 2.48
N GLY A 11 12.32 -17.44 3.69
CA GLY A 11 11.40 -18.53 3.93
C GLY A 11 11.71 -19.68 3.00
N ARG A 12 10.67 -20.18 2.33
CA ARG A 12 10.84 -21.28 1.37
C ARG A 12 11.10 -20.79 -0.05
N TYR A 13 11.34 -19.49 -0.24
CA TYR A 13 11.53 -18.91 -1.56
C TYR A 13 12.98 -18.47 -1.76
N GLU A 14 13.45 -18.57 -2.99
CA GLU A 14 14.68 -17.91 -3.43
C GLU A 14 14.29 -16.84 -4.42
N LEU A 15 14.67 -15.60 -4.14
CA LEU A 15 14.23 -14.44 -4.90
C LEU A 15 15.43 -13.80 -5.58
N ASP A 16 15.29 -13.51 -6.87
CA ASP A 16 16.18 -12.57 -7.54
C ASP A 16 15.89 -11.16 -7.05
N THR A 17 16.96 -10.43 -6.71
CA THR A 17 16.79 -9.05 -6.29
C THR A 17 16.94 -8.11 -7.48
N TRP A 18 16.34 -6.93 -7.36
CA TRP A 18 16.21 -6.01 -8.48
C TRP A 18 17.07 -4.76 -8.38
N TYR A 19 17.24 -4.21 -7.18
CA TYR A 19 17.95 -2.94 -7.01
C TYR A 19 18.98 -3.07 -5.91
N HIS A 20 19.93 -2.12 -5.92
CA HIS A 20 20.95 -2.07 -4.88
C HIS A 20 20.32 -1.68 -3.55
N SER A 21 20.80 -2.29 -2.47
CA SER A 21 20.39 -1.93 -1.13
C SER A 21 21.65 -1.90 -0.26
N PRO A 22 21.81 -0.87 0.57
CA PRO A 22 23.09 -0.68 1.29
C PRO A 22 23.23 -1.60 2.51
N TYR A 23 23.18 -2.91 2.25
CA TYR A 23 23.61 -3.85 3.26
C TYR A 23 25.10 -3.66 3.55
N PRO A 24 25.53 -3.91 4.79
CA PRO A 24 26.96 -3.79 5.10
C PRO A 24 27.82 -4.52 4.08
N GLU A 25 28.91 -3.85 3.68
CA GLU A 25 29.70 -4.34 2.56
C GLU A 25 30.24 -5.75 2.83
N GLU A 26 30.48 -6.07 4.10
CA GLU A 26 30.86 -7.43 4.48
C GLU A 26 29.83 -8.45 4.00
N TYR A 27 28.54 -8.07 4.01
CA TYR A 27 27.48 -8.94 3.52
C TYR A 27 27.21 -8.75 2.04
N ALA A 28 27.17 -7.49 1.59
CA ALA A 28 26.76 -7.19 0.22
C ALA A 28 27.66 -7.87 -0.80
N ARG A 29 28.97 -7.93 -0.52
CA ARG A 29 29.93 -8.42 -1.51
C ARG A 29 29.81 -9.91 -1.78
N LEU A 30 29.00 -10.64 -1.02
CA LEU A 30 28.77 -12.05 -1.28
C LEU A 30 27.68 -12.31 -2.30
N GLY A 31 26.89 -11.29 -2.66
CA GLY A 31 25.89 -11.40 -3.70
C GLY A 31 24.64 -12.17 -3.34
N ARG A 32 24.63 -12.90 -2.23
CA ARG A 32 23.49 -13.70 -1.82
C ARG A 32 23.28 -13.55 -0.34
N LEU A 33 22.02 -13.38 0.08
CA LEU A 33 21.69 -13.20 1.48
C LEU A 33 20.67 -14.24 1.92
N TYR A 34 20.80 -14.66 3.18
CA TYR A 34 19.89 -15.60 3.81
C TYR A 34 19.20 -14.87 4.96
N MET A 35 17.88 -14.82 4.92
CA MET A 35 17.12 -13.99 5.83
C MET A 35 16.13 -14.83 6.63
N CYS A 36 16.03 -14.52 7.92
CA CYS A 36 14.95 -15.05 8.73
C CYS A 36 13.66 -14.35 8.32
N GLU A 37 12.66 -15.13 7.91
CA GLU A 37 11.41 -14.53 7.44
C GLU A 37 10.57 -13.91 8.54
N PHE A 38 10.97 -14.08 9.81
CA PHE A 38 10.21 -13.55 10.94
C PHE A 38 10.83 -12.31 11.55
N CYS A 39 12.10 -12.38 11.96
CA CYS A 39 12.76 -11.20 12.52
C CYS A 39 13.51 -10.38 11.48
N LEU A 40 13.62 -10.86 10.24
CA LEU A 40 14.24 -10.18 9.10
C LEU A 40 15.74 -9.98 9.26
N LYS A 41 16.38 -10.66 10.22
CA LYS A 41 17.83 -10.69 10.27
C LYS A 41 18.40 -11.31 9.01
N TYR A 42 19.50 -10.77 8.50
CA TYR A 42 20.15 -11.28 7.31
C TYR A 42 21.46 -11.95 7.69
N MET A 43 21.76 -13.06 7.03
CA MET A 43 22.90 -13.90 7.39
C MET A 43 23.67 -14.27 6.12
N LYS A 44 24.87 -14.80 6.33
CA LYS A 44 25.81 -15.01 5.24
C LYS A 44 25.67 -16.37 4.57
N SER A 45 25.20 -17.39 5.29
CA SER A 45 25.15 -18.74 4.79
C SER A 45 23.87 -19.41 5.24
N GLN A 46 23.47 -20.44 4.50
CA GLN A 46 22.28 -21.20 4.89
C GLN A 46 22.54 -22.01 6.14
N THR A 47 23.78 -22.44 6.37
CA THR A 47 24.11 -23.10 7.62
C THR A 47 23.85 -22.17 8.80
N ILE A 48 24.30 -20.91 8.67
CA ILE A 48 24.05 -19.92 9.73
C ILE A 48 22.55 -19.67 9.87
N LEU A 49 21.84 -19.60 8.74
CA LEU A 49 20.39 -19.40 8.78
C LEU A 49 19.70 -20.55 9.50
N ARG A 50 20.06 -21.80 9.17
CA ARG A 50 19.44 -22.95 9.82
C ARG A 50 19.63 -22.88 11.32
N ARG A 51 20.86 -22.57 11.77
CA ARG A 51 21.11 -22.40 13.20
C ARG A 51 20.21 -21.32 13.79
N HIS A 52 20.02 -20.21 13.07
CA HIS A 52 19.21 -19.10 13.58
C HIS A 52 17.76 -19.51 13.75
N MET A 53 17.17 -20.13 12.71
CA MET A 53 15.76 -20.50 12.80
C MET A 53 15.52 -21.50 13.91
N ALA A 54 16.51 -22.33 14.23
CA ALA A 54 16.34 -23.31 15.30
C ALA A 54 16.18 -22.64 16.67
N LYS A 55 16.68 -21.42 16.83
CA LYS A 55 16.60 -20.72 18.10
C LYS A 55 15.83 -19.40 18.04
N CYS A 56 15.47 -18.92 16.85
CA CYS A 56 14.80 -17.63 16.75
C CYS A 56 13.46 -17.67 17.44
N VAL A 57 13.21 -16.69 18.32
CA VAL A 57 11.98 -16.70 19.10
C VAL A 57 10.79 -16.10 18.34
N TRP A 58 11.03 -15.42 17.21
CA TRP A 58 9.96 -14.68 16.54
C TRP A 58 9.13 -15.57 15.63
N LYS A 59 7.81 -15.37 15.67
CA LYS A 59 6.86 -16.05 14.80
C LYS A 59 5.98 -15.09 14.03
N HIS A 60 6.17 -13.77 14.20
CA HIS A 60 5.36 -12.75 13.56
C HIS A 60 6.06 -11.41 13.77
N PRO A 61 5.62 -10.34 13.09
CA PRO A 61 6.25 -9.03 13.31
C PRO A 61 6.07 -8.56 14.74
N PRO A 62 6.89 -7.59 15.19
CA PRO A 62 6.64 -6.97 16.49
C PRO A 62 5.51 -5.96 16.38
N GLY A 63 5.40 -5.07 17.36
CA GLY A 63 4.31 -4.12 17.35
C GLY A 63 2.99 -4.76 17.76
N ASP A 64 1.91 -4.06 17.46
CA ASP A 64 0.57 -4.49 17.85
C ASP A 64 -0.18 -5.01 16.63
N GLU A 65 -0.75 -6.20 16.74
CA GLU A 65 -1.67 -6.70 15.73
C GLU A 65 -2.94 -5.86 15.79
N ILE A 66 -3.14 -5.00 14.80
CA ILE A 66 -4.29 -4.09 14.78
C ILE A 66 -5.36 -4.52 13.81
N TYR A 67 -5.15 -5.60 13.07
CA TYR A 67 -6.17 -6.14 12.18
C TYR A 67 -6.03 -7.65 12.13
N ARG A 68 -7.15 -8.36 12.21
CA ARG A 68 -7.15 -9.78 11.92
C ARG A 68 -8.51 -10.20 11.36
N LYS A 69 -8.49 -10.83 10.19
CA LYS A 69 -9.66 -11.49 9.64
C LYS A 69 -9.20 -12.76 8.98
N GLY A 70 -9.63 -13.90 9.52
CA GLY A 70 -9.15 -15.17 9.00
C GLY A 70 -7.65 -15.29 9.23
N SER A 71 -6.94 -15.62 8.16
CA SER A 71 -5.49 -15.80 8.21
C SER A 71 -4.72 -14.51 7.96
N ILE A 72 -5.41 -13.38 7.77
CA ILE A 72 -4.76 -12.11 7.44
C ILE A 72 -4.61 -11.29 8.71
N SER A 73 -3.41 -10.77 8.93
CA SER A 73 -3.12 -9.85 10.03
C SER A 73 -2.42 -8.62 9.49
N VAL A 74 -2.56 -7.52 10.21
CA VAL A 74 -1.76 -6.32 10.00
C VAL A 74 -1.17 -5.92 11.35
N PHE A 75 0.15 -5.74 11.39
CA PHE A 75 0.85 -5.30 12.57
C PHE A 75 1.32 -3.85 12.39
N GLU A 76 1.09 -3.03 13.40
CA GLU A 76 1.59 -1.67 13.42
C GLU A 76 2.90 -1.64 14.18
N VAL A 77 3.99 -1.32 13.49
CA VAL A 77 5.33 -1.36 14.05
C VAL A 77 5.86 0.07 14.12
N ASP A 78 6.18 0.52 15.32
CA ASP A 78 6.76 1.84 15.52
C ASP A 78 8.26 1.76 15.30
N GLY A 79 8.76 2.54 14.33
CA GLY A 79 10.19 2.51 14.04
C GLY A 79 11.04 3.00 15.19
N LYS A 80 10.47 3.80 16.09
CA LYS A 80 11.20 4.26 17.26
C LYS A 80 11.30 3.16 18.32
N LYS A 81 10.34 2.24 18.36
CA LYS A 81 10.29 1.20 19.37
C LYS A 81 10.85 -0.14 18.88
N ASN A 82 11.01 -0.30 17.57
CA ASN A 82 11.51 -1.55 16.98
C ASN A 82 12.47 -1.18 15.86
N LYS A 83 13.56 -0.50 16.23
CA LYS A 83 14.45 0.10 15.26
C LYS A 83 15.11 -0.94 14.36
N ILE A 84 15.65 -2.00 14.96
CA ILE A 84 16.40 -3.00 14.19
C ILE A 84 15.50 -3.71 13.19
N TYR A 85 14.36 -4.21 13.67
CA TYR A 85 13.40 -4.85 12.77
C TYR A 85 13.06 -3.94 11.59
N CYS A 86 12.74 -2.67 11.88
CA CYS A 86 12.32 -1.76 10.83
C CYS A 86 13.45 -1.43 9.87
N GLN A 87 14.68 -1.33 10.38
CA GLN A 87 15.84 -1.16 9.50
C GLN A 87 16.02 -2.37 8.58
N ASN A 88 15.91 -3.58 9.12
CA ASN A 88 15.98 -4.77 8.29
C ASN A 88 14.86 -4.79 7.26
N LEU A 89 13.66 -4.36 7.68
CA LEU A 89 12.54 -4.26 6.74
C LEU A 89 12.86 -3.28 5.61
N CYS A 90 13.47 -2.14 5.94
CA CYS A 90 13.75 -1.13 4.92
C CYS A 90 14.85 -1.59 3.96
N LEU A 91 15.84 -2.32 4.46
CA LEU A 91 16.89 -2.82 3.59
C LEU A 91 16.35 -3.89 2.65
N LEU A 92 15.51 -4.78 3.17
CA LEU A 92 14.84 -5.76 2.34
C LEU A 92 13.99 -5.07 1.26
N ALA A 93 13.18 -4.09 1.67
CA ALA A 93 12.33 -3.36 0.72
C ALA A 93 13.16 -2.74 -0.40
N LYS A 94 14.32 -2.19 -0.06
CA LYS A 94 15.16 -1.51 -1.05
C LYS A 94 15.66 -2.45 -2.14
N LEU A 95 15.68 -3.76 -1.89
CA LEU A 95 16.03 -4.71 -2.94
C LEU A 95 14.98 -4.76 -4.05
N PHE A 96 13.76 -4.31 -3.77
CA PHE A 96 12.65 -4.40 -4.70
C PHE A 96 11.99 -3.05 -5.00
N LEU A 97 12.45 -1.98 -4.38
CA LEU A 97 11.96 -0.63 -4.65
C LEU A 97 13.15 0.23 -5.09
N ASP A 98 13.02 0.87 -6.26
CA ASP A 98 14.11 1.66 -6.80
C ASP A 98 14.21 3.02 -6.13
N HIS A 99 13.08 3.60 -5.71
CA HIS A 99 13.04 5.00 -5.29
C HIS A 99 13.08 5.23 -3.78
OH ALY A 100 9.82 2.41 3.69
CH ALY A 100 10.84 3.10 3.86
CH3 ALY A 100 10.77 4.42 4.62
NZ ALY A 100 12.08 2.72 3.38
CE ALY A 100 12.36 1.52 2.66
CD ALY A 100 12.27 1.68 1.14
CG ALY A 100 12.92 2.97 0.67
CB ALY A 100 12.90 2.92 -0.85
CA ALY A 100 13.17 4.25 -1.56
N ALY A 100 13.04 4.15 -3.01
C ALY A 100 14.56 4.73 -1.22
O ALY A 100 15.58 4.28 -1.73
N THR A 101 14.63 5.70 -0.31
CA THR A 101 15.92 6.30 0.02
C THR A 101 16.28 6.25 1.51
N LEU A 102 15.28 6.06 2.36
CA LEU A 102 15.49 6.00 3.81
C LEU A 102 15.48 4.55 4.28
N TYR A 103 16.55 4.16 4.99
CA TYR A 103 16.71 2.78 5.46
C TYR A 103 17.02 2.68 6.94
N TYR A 104 17.78 3.62 7.49
CA TYR A 104 18.29 3.49 8.85
C TYR A 104 17.61 4.39 9.87
N ASP A 105 17.21 5.60 9.48
CA ASP A 105 16.49 6.51 10.37
C ASP A 105 15.00 6.21 10.30
N VAL A 106 14.62 5.08 10.90
CA VAL A 106 13.24 4.60 10.87
C VAL A 106 12.36 5.24 11.93
N GLU A 107 12.94 5.99 12.86
CA GLU A 107 12.17 6.56 13.95
C GLU A 107 11.01 7.47 13.51
N PRO A 108 11.10 8.26 12.43
CA PRO A 108 9.92 9.06 12.04
C PRO A 108 8.76 8.25 11.48
N PHE A 109 8.88 6.93 11.38
CA PHE A 109 7.96 6.14 10.56
C PHE A 109 7.16 5.14 11.38
N LEU A 110 5.94 4.89 10.92
CA LEU A 110 5.17 3.71 11.30
C LEU A 110 5.19 2.73 10.13
N PHE A 111 5.30 1.44 10.44
CA PHE A 111 5.35 0.39 9.44
C PHE A 111 4.15 -0.51 9.66
N TYR A 112 3.34 -0.68 8.61
CA TYR A 112 2.14 -1.52 8.66
C TYR A 112 2.43 -2.78 7.86
N VAL A 113 2.62 -3.89 8.57
CA VAL A 113 3.12 -5.14 8.01
C VAL A 113 1.98 -6.13 7.96
N MET A 114 1.68 -6.64 6.76
CA MET A 114 0.58 -7.55 6.55
C MET A 114 1.10 -8.98 6.40
N THR A 115 0.45 -9.92 7.08
CA THR A 115 0.89 -11.30 7.11
C THR A 115 -0.26 -12.25 6.82
N GLU A 116 0.09 -13.48 6.42
CA GLU A 116 -0.85 -14.57 6.24
C GLU A 116 -0.40 -15.77 7.07
N ALA A 117 -1.31 -16.32 7.85
CA ALA A 117 -1.04 -17.53 8.63
C ALA A 117 -1.44 -18.76 7.83
N ASP A 118 -0.63 -19.82 7.91
CA ASP A 118 -0.89 -21.03 7.13
C ASP A 118 -0.32 -22.22 7.89
N ASN A 119 -0.25 -23.36 7.18
CA ASN A 119 0.13 -24.61 7.83
C ASN A 119 1.57 -24.60 8.37
N THR A 120 2.41 -23.68 7.88
CA THR A 120 3.78 -23.58 8.39
C THR A 120 3.91 -22.49 9.44
N GLY A 121 3.49 -21.27 9.12
CA GLY A 121 3.65 -20.18 10.06
C GLY A 121 2.89 -18.95 9.65
N CYS A 122 3.39 -17.80 10.12
CA CYS A 122 2.76 -16.49 9.92
C CYS A 122 3.68 -15.63 9.07
N HIS A 123 3.41 -15.61 7.76
CA HIS A 123 4.40 -15.21 6.77
C HIS A 123 4.18 -13.78 6.29
N LEU A 124 5.29 -13.07 6.09
CA LEU A 124 5.25 -11.70 5.60
C LEU A 124 4.71 -11.65 4.18
N ILE A 125 3.70 -10.83 3.96
CA ILE A 125 3.15 -10.59 2.63
C ILE A 125 3.70 -9.32 2.01
N GLY A 126 3.78 -8.26 2.82
CA GLY A 126 4.19 -6.96 2.35
C GLY A 126 3.94 -5.94 3.43
N TYR A 127 4.19 -4.68 3.11
CA TYR A 127 4.07 -3.62 4.10
C TYR A 127 3.91 -2.30 3.39
N PHE A 128 3.51 -1.29 4.16
CA PHE A 128 3.75 0.09 3.79
C PHE A 128 4.24 0.87 5.01
N SER A 129 5.13 1.82 4.75
CA SER A 129 5.60 2.75 5.74
C SER A 129 4.79 4.04 5.65
N LYS A 130 4.78 4.78 6.76
CA LYS A 130 3.95 5.97 6.86
C LYS A 130 4.61 6.91 7.85
N GLU A 131 4.69 8.18 7.48
CA GLU A 131 5.26 9.19 8.37
C GLU A 131 4.29 9.45 9.52
N LYS A 132 4.83 9.55 10.74
CA LYS A 132 3.97 9.86 11.87
C LYS A 132 3.42 11.27 11.78
N ASN A 133 4.16 12.20 11.16
CA ASN A 133 3.71 13.57 10.92
C ASN A 133 4.00 13.91 9.47
N SER A 134 3.03 13.70 8.59
CA SER A 134 3.15 14.12 7.20
C SER A 134 2.41 15.44 7.04
N PHE A 135 3.15 16.49 6.72
CA PHE A 135 2.57 17.79 6.45
C PHE A 135 2.28 18.00 4.97
N LEU A 136 2.52 16.98 4.15
CA LEU A 136 2.11 16.98 2.75
C LEU A 136 1.02 15.94 2.49
N ASN A 137 0.40 15.42 3.55
CA ASN A 137 -0.76 14.53 3.47
C ASN A 137 -0.47 13.19 2.80
N TYR A 138 0.78 12.73 2.84
CA TYR A 138 1.08 11.37 2.39
C TYR A 138 0.57 10.38 3.42
N ASN A 139 -0.31 9.47 3.00
CA ASN A 139 -0.74 8.40 3.88
C ASN A 139 0.04 7.12 3.65
N VAL A 140 1.02 7.17 2.74
CA VAL A 140 1.93 6.07 2.44
C VAL A 140 3.24 6.69 2.00
N SER A 141 4.35 6.20 2.56
N SER A 141 4.35 6.21 2.56
CA SER A 141 5.68 6.61 2.12
CA SER A 141 5.69 6.61 2.11
C SER A 141 6.21 5.64 1.06
C SER A 141 6.17 5.63 1.04
N CYS A 142 6.39 4.38 1.43
CA CYS A 142 6.75 3.31 0.51
C CYS A 142 5.81 2.15 0.72
N ILE A 143 5.54 1.40 -0.35
CA ILE A 143 4.56 0.32 -0.29
C ILE A 143 5.02 -0.78 -1.23
N LEU A 144 4.89 -2.02 -0.78
CA LEU A 144 5.47 -3.15 -1.47
C LEU A 144 4.73 -4.42 -1.06
N THR A 145 4.61 -5.34 -2.02
CA THR A 145 4.32 -6.73 -1.72
C THR A 145 5.56 -7.54 -2.04
N MET A 146 5.81 -8.59 -1.26
CA MET A 146 6.90 -9.49 -1.59
C MET A 146 6.66 -10.10 -2.96
N PRO A 147 7.72 -10.48 -3.68
CA PRO A 147 7.53 -10.99 -5.05
C PRO A 147 6.66 -12.23 -5.13
N GLN A 148 6.69 -13.10 -4.13
CA GLN A 148 5.89 -14.32 -4.20
C GLN A 148 4.40 -14.05 -4.00
N TYR A 149 4.01 -12.84 -3.61
CA TYR A 149 2.60 -12.50 -3.45
C TYR A 149 2.15 -11.36 -4.38
N MET A 150 2.97 -10.98 -5.35
CA MET A 150 2.59 -9.90 -6.27
C MET A 150 1.47 -10.33 -7.20
N ARG A 151 0.61 -9.36 -7.56
CA ARG A 151 -0.42 -9.54 -8.59
C ARG A 151 -1.40 -10.64 -8.22
N GLN A 152 -1.70 -10.76 -6.92
CA GLN A 152 -2.60 -11.79 -6.42
C GLN A 152 -3.67 -11.22 -5.49
N GLY A 153 -3.91 -9.91 -5.55
CA GLY A 153 -4.90 -9.26 -4.71
C GLY A 153 -4.39 -8.76 -3.36
N TYR A 154 -3.20 -9.19 -2.93
CA TYR A 154 -2.67 -8.75 -1.65
C TYR A 154 -2.32 -7.26 -1.68
N GLY A 155 -1.76 -6.79 -2.79
CA GLY A 155 -1.44 -5.37 -2.89
C GLY A 155 -2.67 -4.49 -2.81
N LYS A 156 -3.78 -4.94 -3.40
CA LYS A 156 -5.02 -4.17 -3.30
C LYS A 156 -5.48 -4.08 -1.85
N MET A 157 -5.32 -5.17 -1.09
CA MET A 157 -5.67 -5.14 0.33
C MET A 157 -4.79 -4.15 1.09
N LEU A 158 -3.49 -4.14 0.78
CA LEU A 158 -2.57 -3.21 1.43
C LEU A 158 -2.96 -1.77 1.14
N ILE A 159 -3.24 -1.45 -0.13
CA ILE A 159 -3.66 -0.10 -0.48
C ILE A 159 -4.94 0.26 0.23
N ASP A 160 -5.92 -0.64 0.19
CA ASP A 160 -7.19 -0.39 0.86
C ASP A 160 -6.98 -0.14 2.35
N PHE A 161 -6.08 -0.89 2.98
CA PHE A 161 -5.84 -0.70 4.41
C PHE A 161 -5.26 0.68 4.70
N SER A 162 -4.42 1.20 3.80
CA SER A 162 -3.83 2.52 3.99
C SER A 162 -4.92 3.60 3.98
N TYR A 163 -5.92 3.44 3.12
CA TYR A 163 -7.02 4.40 3.09
C TYR A 163 -8.00 4.17 4.23
N LEU A 164 -8.11 2.93 4.71
CA LEU A 164 -8.91 2.67 5.91
C LEU A 164 -8.35 3.43 7.10
N LEU A 165 -7.02 3.42 7.27
CA LEU A 165 -6.42 4.21 8.34
C LEU A 165 -6.74 5.69 8.17
N SER A 166 -6.65 6.20 6.93
CA SER A 166 -6.95 7.60 6.69
C SER A 166 -8.40 7.93 7.05
N LYS A 167 -9.32 7.03 6.73
CA LYS A 167 -10.74 7.26 7.03
C LYS A 167 -10.96 7.37 8.53
N VAL A 168 -10.38 6.45 9.30
CA VAL A 168 -10.51 6.49 10.75
C VAL A 168 -9.88 7.76 11.30
N GLU A 169 -8.73 8.16 10.75
CA GLU A 169 -8.11 9.43 11.09
C GLU A 169 -8.92 10.63 10.63
N GLU A 170 -9.92 10.42 9.78
CA GLU A 170 -10.69 11.50 9.15
C GLU A 170 -9.78 12.45 8.38
N LYS A 171 -8.81 11.88 7.67
CA LYS A 171 -7.93 12.59 6.76
C LYS A 171 -8.12 12.06 5.34
N VAL A 172 -7.71 12.86 4.37
CA VAL A 172 -7.54 12.39 3.00
C VAL A 172 -6.04 12.34 2.72
N GLY A 173 -5.62 11.29 2.03
CA GLY A 173 -4.20 11.05 1.82
C GLY A 173 -3.92 10.54 0.42
N SER A 174 -2.63 10.39 0.14
CA SER A 174 -2.15 9.94 -1.15
C SER A 174 -0.80 9.27 -0.95
N PRO A 175 -0.45 8.28 -1.78
CA PRO A 175 0.90 7.73 -1.71
C PRO A 175 1.91 8.77 -2.17
N GLU A 176 3.05 8.81 -1.47
CA GLU A 176 4.14 9.67 -1.88
C GLU A 176 4.72 9.19 -3.21
N ARG A 177 5.11 10.15 -4.09
CA ARG A 177 5.68 9.88 -5.40
C ARG A 177 7.19 10.09 -5.38
N PRO A 178 7.96 9.41 -6.26
CA PRO A 178 7.48 8.50 -7.31
C PRO A 178 7.14 7.10 -6.79
N LEU A 179 6.08 6.53 -7.33
CA LEU A 179 5.75 5.14 -7.07
C LEU A 179 6.58 4.23 -7.96
N SER A 180 6.71 2.98 -7.54
CA SER A 180 7.22 1.99 -8.47
C SER A 180 6.24 1.84 -9.64
N ASP A 181 6.72 1.24 -10.73
CA ASP A 181 5.87 0.96 -11.89
C ASP A 181 4.61 0.20 -11.47
N LEU A 182 4.79 -0.95 -10.82
CA LEU A 182 3.67 -1.78 -10.42
C LEU A 182 2.79 -1.06 -9.40
N GLY A 183 3.39 -0.29 -8.50
CA GLY A 183 2.62 0.42 -7.50
C GLY A 183 1.71 1.46 -8.11
N LEU A 184 2.20 2.21 -9.09
CA LEU A 184 1.36 3.16 -9.80
C LEU A 184 0.24 2.45 -10.57
N ILE A 185 0.58 1.34 -11.23
CA ILE A 185 -0.44 0.53 -11.91
C ILE A 185 -1.50 0.08 -10.91
N SER A 186 -1.08 -0.31 -9.71
CA SER A 186 -2.02 -0.85 -8.73
C SER A 186 -2.91 0.24 -8.15
N TYR A 187 -2.34 1.42 -7.89
CA TYR A 187 -3.16 2.50 -7.35
C TYR A 187 -4.22 2.96 -8.35
N ARG A 188 -3.85 3.06 -9.63
CA ARG A 188 -4.82 3.48 -10.64
C ARG A 188 -5.98 2.49 -10.73
N SER A 189 -5.67 1.20 -10.72
N SER A 189 -5.67 1.19 -10.72
CA SER A 189 -6.73 0.20 -10.76
CA SER A 189 -6.72 0.19 -10.77
C SER A 189 -7.58 0.24 -9.49
C SER A 189 -7.57 0.21 -9.50
N TYR A 190 -6.94 0.43 -8.33
CA TYR A 190 -7.68 0.52 -7.10
C TYR A 190 -8.58 1.77 -7.09
N TRP A 191 -8.06 2.90 -7.55
CA TRP A 191 -8.86 4.12 -7.59
C TRP A 191 -10.08 3.94 -8.49
N LYS A 192 -9.91 3.23 -9.60
CA LYS A 192 -11.03 2.97 -10.51
C LYS A 192 -12.08 2.11 -9.82
N GLU A 193 -11.67 1.03 -9.18
CA GLU A 193 -12.62 0.15 -8.49
C GLU A 193 -13.36 0.88 -7.38
N VAL A 194 -12.68 1.82 -6.71
CA VAL A 194 -13.24 2.48 -5.54
C VAL A 194 -14.41 3.38 -5.94
N LEU A 195 -14.24 4.19 -6.97
CA LEU A 195 -15.34 5.07 -7.33
C LEU A 195 -16.41 4.37 -8.15
N LEU A 196 -16.10 3.21 -8.75
CA LEU A 196 -17.17 2.39 -9.31
C LEU A 196 -18.05 1.81 -8.21
N ARG A 197 -17.46 1.42 -7.07
CA ARG A 197 -18.27 0.98 -5.94
C ARG A 197 -19.05 2.15 -5.36
N TYR A 198 -18.40 3.30 -5.20
CA TYR A 198 -19.09 4.49 -4.74
C TYR A 198 -20.25 4.83 -5.65
N LEU A 199 -20.00 4.90 -6.96
CA LEU A 199 -21.05 5.31 -7.89
C LEU A 199 -22.15 4.25 -8.01
N HIS A 200 -21.81 2.97 -7.85
CA HIS A 200 -22.83 1.95 -7.85
C HIS A 200 -23.67 2.00 -6.59
N ASN A 201 -23.04 2.32 -5.45
CA ASN A 201 -23.73 2.43 -4.18
C ASN A 201 -24.40 3.78 -3.96
N PHE A 202 -24.36 4.67 -4.96
CA PHE A 202 -24.85 6.03 -4.83
C PHE A 202 -25.94 6.26 -5.87
N GLN A 203 -27.08 6.78 -5.43
CA GLN A 203 -28.15 7.14 -6.35
C GLN A 203 -28.74 8.49 -5.99
N GLY A 204 -27.89 9.43 -5.59
CA GLY A 204 -28.18 10.83 -5.80
C GLY A 204 -27.92 11.16 -7.26
N LYS A 205 -28.13 12.42 -7.61
CA LYS A 205 -27.94 12.83 -9.00
C LYS A 205 -26.95 13.98 -9.15
N GLU A 206 -26.31 14.41 -8.06
CA GLU A 206 -25.19 15.33 -8.15
C GLU A 206 -24.18 14.97 -7.07
N ILE A 207 -22.90 15.20 -7.38
CA ILE A 207 -21.81 14.81 -6.49
C ILE A 207 -20.70 15.84 -6.60
N SER A 208 -20.13 16.21 -5.46
CA SER A 208 -18.91 17.00 -5.40
C SER A 208 -17.71 16.07 -5.24
N ILE A 209 -16.56 16.53 -5.74
CA ILE A 209 -15.32 15.81 -5.49
C ILE A 209 -15.09 15.64 -3.99
N LYS A 210 -15.50 16.65 -3.21
CA LYS A 210 -15.27 16.63 -1.77
C LYS A 210 -15.93 15.42 -1.12
N GLU A 211 -17.18 15.14 -1.46
CA GLU A 211 -17.90 14.08 -0.77
C GLU A 211 -17.32 12.70 -1.13
N ILE A 212 -16.93 12.50 -2.39
CA ILE A 212 -16.22 11.28 -2.76
C ILE A 212 -14.93 11.18 -1.98
N SER A 213 -14.15 12.27 -1.96
CA SER A 213 -12.89 12.28 -1.24
C SER A 213 -13.10 12.00 0.25
N GLN A 214 -14.12 12.62 0.84
CA GLN A 214 -14.34 12.45 2.27
C GLN A 214 -14.70 11.01 2.62
N GLU A 215 -15.53 10.34 1.80
CA GLU A 215 -15.88 8.96 2.07
C GLU A 215 -14.68 8.04 1.85
N THR A 216 -14.07 8.10 0.67
CA THR A 216 -13.04 7.16 0.27
C THR A 216 -11.66 7.48 0.83
N ALA A 217 -11.45 8.69 1.37
CA ALA A 217 -10.15 9.20 1.81
C ALA A 217 -9.18 9.39 0.65
N VAL A 218 -9.64 9.24 -0.59
CA VAL A 218 -8.77 9.44 -1.75
C VAL A 218 -8.63 10.93 -2.02
N ASN A 219 -7.42 11.34 -2.37
CA ASN A 219 -7.15 12.74 -2.67
C ASN A 219 -8.02 13.21 -3.82
N PRO A 220 -8.50 14.46 -3.79
CA PRO A 220 -9.26 14.99 -4.93
C PRO A 220 -8.52 14.90 -6.26
N VAL A 221 -7.20 15.13 -6.26
CA VAL A 221 -6.43 15.04 -7.49
C VAL A 221 -6.50 13.64 -8.07
N ASP A 222 -6.38 12.63 -7.22
CA ASP A 222 -6.44 11.24 -7.68
C ASP A 222 -7.83 10.89 -8.19
N ILE A 223 -8.88 11.45 -7.59
CA ILE A 223 -10.24 11.16 -8.03
C ILE A 223 -10.49 11.72 -9.42
N VAL A 224 -10.07 12.96 -9.67
CA VAL A 224 -10.33 13.59 -10.95
C VAL A 224 -9.54 12.90 -12.07
N SER A 225 -8.27 12.58 -11.81
CA SER A 225 -7.48 11.90 -12.83
C SER A 225 -8.02 10.50 -13.11
N THR A 226 -8.60 9.84 -12.10
CA THR A 226 -9.27 8.57 -12.35
C THR A 226 -10.56 8.77 -13.14
N LEU A 227 -11.31 9.83 -12.82
CA LEU A 227 -12.53 10.12 -13.58
C LEU A 227 -12.23 10.43 -15.03
N GLN A 228 -11.08 11.07 -15.28
CA GLN A 228 -10.64 11.30 -16.66
C GLN A 228 -10.13 10.01 -17.29
N ALA A 229 -9.41 9.19 -16.51
CA ALA A 229 -8.93 7.91 -17.02
C ALA A 229 -10.07 7.02 -17.46
N LEU A 230 -11.22 7.10 -16.79
CA LEU A 230 -12.38 6.29 -17.14
C LEU A 230 -13.34 7.01 -18.09
N GLN A 231 -12.91 8.13 -18.68
CA GLN A 231 -13.70 8.89 -19.64
C GLN A 231 -15.08 9.22 -19.12
N MET A 232 -15.19 9.46 -17.82
CA MET A 232 -16.46 9.80 -17.19
C MET A 232 -16.56 11.26 -16.79
N LEU A 233 -15.55 12.06 -17.11
CA LEU A 233 -15.50 13.47 -16.73
C LEU A 233 -15.69 14.28 -18.01
N LYS A 234 -16.90 14.77 -18.22
CA LYS A 234 -17.26 15.48 -19.45
C LYS A 234 -17.58 16.94 -19.15
N TYR A 235 -17.64 17.73 -20.21
CA TYR A 235 -17.81 19.18 -20.09
C TYR A 235 -18.75 19.67 -21.19
N TRP A 236 -19.91 20.19 -20.78
CA TRP A 236 -20.89 20.72 -21.71
C TRP A 236 -21.40 22.06 -21.17
N LYS A 237 -21.53 23.03 -22.06
CA LYS A 237 -21.85 24.42 -21.71
C LYS A 237 -20.80 24.88 -20.70
N GLY A 238 -21.17 25.33 -19.51
CA GLY A 238 -20.20 25.75 -18.52
C GLY A 238 -20.06 24.86 -17.31
N LYS A 239 -20.61 23.66 -17.33
CA LYS A 239 -20.64 22.78 -16.16
C LYS A 239 -19.87 21.49 -16.45
N HIS A 240 -19.13 21.02 -15.45
CA HIS A 240 -18.51 19.71 -15.51
C HIS A 240 -19.48 18.65 -15.01
N LEU A 241 -19.57 17.54 -15.73
CA LEU A 241 -20.52 16.48 -15.43
C LEU A 241 -19.76 15.20 -15.12
N VAL A 242 -20.45 14.25 -14.48
CA VAL A 242 -19.93 12.90 -14.29
C VAL A 242 -20.83 11.94 -15.05
N LEU A 243 -20.23 11.13 -15.91
CA LEU A 243 -20.95 10.22 -16.80
C LEU A 243 -20.93 8.82 -16.19
N LYS A 244 -22.08 8.38 -15.70
CA LYS A 244 -22.15 7.06 -15.06
C LYS A 244 -22.20 6.00 -16.16
N ARG A 245 -21.06 5.33 -16.40
CA ARG A 245 -20.98 4.19 -17.31
C ARG A 245 -21.38 2.95 -16.55
N GLN A 246 -22.63 2.51 -16.71
CA GLN A 246 -23.00 1.23 -16.12
C GLN A 246 -22.29 0.07 -16.80
N ASP A 247 -21.72 0.29 -17.99
CA ASP A 247 -20.78 -0.68 -18.57
C ASP A 247 -19.76 -1.11 -17.53
N LEU A 248 -19.26 -0.14 -16.74
CA LEU A 248 -18.19 -0.41 -15.79
C LEU A 248 -18.68 -0.91 -14.45
N ILE A 249 -19.80 -0.37 -13.96
CA ILE A 249 -20.31 -0.85 -12.70
C ILE A 249 -20.73 -2.31 -12.84
N ASP A 250 -21.21 -2.70 -14.04
CA ASP A 250 -21.53 -4.11 -14.27
C ASP A 250 -20.27 -4.96 -14.49
N GLU A 251 -19.27 -4.46 -15.24
CA GLU A 251 -18.02 -5.20 -15.39
C GLU A 251 -17.32 -5.33 -14.04
N TRP A 252 -17.36 -4.28 -13.23
CA TRP A 252 -16.81 -4.37 -11.87
C TRP A 252 -17.67 -5.27 -11.01
N ILE A 253 -19.00 -5.19 -11.16
CA ILE A 253 -19.90 -6.03 -10.37
C ILE A 253 -19.66 -7.51 -10.61
N ALA A 254 -19.09 -7.87 -11.76
CA ALA A 254 -18.79 -9.26 -12.05
C ALA A 254 -17.52 -9.75 -11.34
N LYS A 255 -16.93 -8.93 -10.47
CA LYS A 255 -15.66 -9.26 -9.83
C LYS A 255 -15.87 -9.47 -8.34
N GLU A 256 -15.67 -10.71 -7.89
CA GLU A 256 -15.56 -11.08 -6.47
C GLU A 256 -15.38 -12.59 -6.38
N ASN A 263 -11.92 -14.26 1.32
CA ASN A 263 -11.80 -13.34 0.20
C ASN A 263 -10.64 -12.37 0.43
N LYS A 264 -10.34 -11.58 -0.61
CA LYS A 264 -9.27 -10.60 -0.54
C LYS A 264 -9.82 -9.19 -0.44
N THR A 265 -10.61 -8.93 0.61
CA THR A 265 -11.18 -7.61 0.87
C THR A 265 -11.00 -7.29 2.35
N MET A 266 -10.56 -6.07 2.65
CA MET A 266 -10.38 -5.67 4.05
C MET A 266 -11.73 -5.39 4.70
N ASP A 267 -11.88 -5.85 5.95
CA ASP A 267 -13.11 -5.69 6.70
C ASP A 267 -12.94 -4.59 7.74
N PRO A 268 -13.53 -3.41 7.55
CA PRO A 268 -13.30 -2.31 8.50
C PRO A 268 -13.70 -2.64 9.93
N SER A 269 -14.65 -3.55 10.13
CA SER A 269 -15.02 -3.93 11.49
C SER A 269 -13.96 -4.75 12.21
N CYS A 270 -12.94 -5.23 11.48
CA CYS A 270 -11.88 -6.02 12.08
C CYS A 270 -10.66 -5.17 12.45
N LEU A 271 -10.78 -3.85 12.35
CA LEU A 271 -9.69 -2.94 12.69
C LEU A 271 -9.81 -2.53 14.16
N LYS A 272 -8.78 -2.82 14.94
CA LYS A 272 -8.69 -2.39 16.33
C LYS A 272 -7.57 -1.35 16.40
N TRP A 273 -7.95 -0.08 16.23
CA TRP A 273 -6.96 0.98 16.07
C TRP A 273 -7.66 2.33 16.16
N THR A 274 -7.02 3.28 16.83
CA THR A 274 -7.40 4.68 16.81
C THR A 274 -6.14 5.51 16.65
N PRO A 275 -6.25 6.73 16.07
CA PRO A 275 -5.07 7.57 15.86
C PRO A 275 -4.30 7.91 17.13
N GLY B 10 -9.00 25.04 -2.70
CA GLY B 10 -9.51 23.71 -2.94
C GLY B 10 -10.03 23.51 -4.35
N MET B 11 -9.12 23.50 -5.31
CA MET B 11 -9.43 23.38 -6.74
C MET B 11 -8.47 22.40 -7.40
N VAL B 12 -8.93 21.76 -8.47
CA VAL B 12 -8.09 20.86 -9.26
C VAL B 12 -7.92 21.42 -10.65
N GLU B 13 -6.67 21.47 -11.12
CA GLU B 13 -6.34 21.85 -12.49
C GLU B 13 -6.17 20.58 -13.32
N ILE B 14 -7.00 20.42 -14.35
CA ILE B 14 -6.95 19.25 -15.21
C ILE B 14 -7.35 19.67 -16.62
N GLU B 15 -6.63 19.14 -17.60
CA GLU B 15 -6.91 19.44 -19.01
C GLU B 15 -7.52 18.25 -19.72
N LEU B 20 -8.70 22.09 -20.01
CA LEU B 20 -7.58 22.94 -19.59
C LEU B 20 -8.00 23.88 -18.46
N HIS B 21 -9.08 23.53 -17.77
CA HIS B 21 -9.72 24.40 -16.79
C HIS B 21 -9.55 23.84 -15.38
N ARG B 22 -10.11 24.56 -14.41
CA ARG B 22 -10.00 24.23 -13.00
C ARG B 22 -11.38 23.93 -12.42
N ILE B 23 -11.43 22.92 -11.55
CA ILE B 23 -12.66 22.47 -10.90
C ILE B 23 -12.61 22.92 -9.45
N SER B 24 -13.80 23.02 -8.84
CA SER B 24 -13.89 23.23 -7.40
C SER B 24 -14.32 21.93 -6.74
N ILE B 25 -13.66 21.59 -5.63
CA ILE B 25 -13.97 20.37 -4.89
C ILE B 25 -15.39 20.40 -4.34
N PHE B 26 -15.97 21.59 -4.17
CA PHE B 26 -17.26 21.76 -3.53
C PHE B 26 -18.42 21.87 -4.51
N ASP B 27 -18.15 22.09 -5.79
CA ASP B 27 -19.24 22.20 -6.75
C ASP B 27 -19.94 20.86 -6.90
N PRO B 28 -21.28 20.86 -6.92
CA PRO B 28 -22.00 19.63 -7.26
C PRO B 28 -21.93 19.37 -8.75
N LEU B 29 -21.49 18.17 -9.11
CA LEU B 29 -21.44 17.74 -10.51
C LEU B 29 -22.61 16.80 -10.77
N GLU B 30 -23.48 17.19 -11.69
CA GLU B 30 -24.68 16.38 -11.92
C GLU B 30 -24.30 15.09 -12.64
N ILE B 31 -24.82 13.97 -12.15
CA ILE B 31 -24.56 12.67 -12.73
C ILE B 31 -25.58 12.41 -13.83
N ILE B 32 -25.12 11.85 -14.94
CA ILE B 32 -25.99 11.67 -16.11
C ILE B 32 -25.77 10.29 -16.72
N LEU B 33 -26.34 10.08 -17.91
CA LEU B 33 -26.14 8.85 -18.67
C LEU B 33 -25.89 9.17 -20.14
ZN ZN C . 14.92 -14.62 13.31
C1 GOL D . -2.32 -5.32 -10.36
O1 GOL D . -1.31 -6.27 -10.37
C2 GOL D . -2.40 -4.60 -11.64
O2 GOL D . -2.51 -5.45 -12.74
C3 GOL D . -3.63 -3.79 -11.67
O3 GOL D . -4.68 -4.67 -11.47
C1 GOL E . 7.57 -4.28 -10.14
O1 GOL E . 7.64 -5.03 -11.30
C2 GOL E . 8.48 -3.11 -10.14
O2 GOL E . 7.70 -1.98 -10.31
C3 GOL E . 9.34 -3.14 -8.90
O3 GOL E . 9.76 -1.96 -8.30
C16 JAV F . -4.00 -5.33 -7.26
C17 JAV F . -3.80 -4.09 -6.75
C18 JAV F . -4.72 -3.10 -7.00
C19 JAV F . -5.85 -3.37 -7.76
C20 JAV F . -6.05 -4.62 -8.26
C21 JAV F . -5.13 -5.61 -8.01
C01 JAV F . 1.07 -0.94 -4.25
C02 JAV F . 1.72 -2.29 -4.80
C03 JAV F . 3.07 -2.42 -4.87
C04 JAV F . 3.62 -3.58 -5.35
C05 JAV F . 2.82 -4.60 -5.74
C06 JAV F . 1.50 -4.47 -5.67
C07 JAV F . 0.93 -3.30 -5.19
C09 JAV F . 0.55 -5.67 -6.16
C23 JAV F . 5.07 -3.73 -5.44
C24 JAV F . 5.86 -2.64 -5.77
C25 JAV F . 7.24 -2.78 -5.88
C26 JAV F . 7.84 -4.04 -5.67
C27 JAV F . 7.06 -5.13 -5.35
C28 JAV F . 5.65 -4.98 -5.24
F08 JAV F . -0.45 -3.18 -5.12
N11 JAV F . -0.43 -5.36 -7.22
N12 JAV F . -1.33 -6.39 -7.73
O10 JAV F . 0.65 -6.76 -5.70
O14 JAV F . -2.61 -6.83 -5.53
O15 JAV F . -3.32 -7.99 -7.33
O22 JAV F . -7.21 -4.91 -9.05
S13 JAV F . -2.79 -6.68 -6.95
#